data_2R5Y
#
_entry.id   2R5Y
#
_cell.length_a   65.310
_cell.length_b   65.310
_cell.length_c   200.300
_cell.angle_alpha   90.00
_cell.angle_beta   90.00
_cell.angle_gamma   90.00
#
_symmetry.space_group_name_H-M   'P 43 21 2'
#
loop_
_entity.id
_entity.type
_entity.pdbx_description
1 polymer "DNA (5'-D(*DAP*DCP*DTP*DCP*DTP*DAP*DTP*DGP*DAP*DTP*DTP*DTP*DAP*DTP*DGP*DGP*DGP*DCP*DTP*DG)-3')"
2 polymer "DNA (5'-D(*DTP*DCP*DAP*DGP*DCP*DCP*DCP*DAP*DTP*DAP*DAP*DAP*DTP*DCP*DAP*DTP*DAP*DGP*DAP*DG)-3')"
3 polymer 'Homeotic protein Sex combs reduced'
4 polymer 'Homeobox protein extradenticle'
5 water water
#
loop_
_entity_poly.entity_id
_entity_poly.type
_entity_poly.pdbx_seq_one_letter_code
_entity_poly.pdbx_strand_id
1 'polydeoxyribonucleotide' (DA)(DC)(DT)(DC)(DT)(DA)(DT)(DG)(DA)(DT)(DT)(DT)(DA)(DT)(DG)(DG)(DG)(DC)(DT)(DG) C
2 'polydeoxyribonucleotide' (DT)(DC)(DA)(DG)(DC)(DC)(DC)(DA)(DT)(DA)(DA)(DA)(DT)(DC)(DA)(DT)(DA)(DG)(DA)(DG) D
3 'polypeptide(L)'
;GKKNPPQIYPWMKRVHLGTSTVNANGETKRQRTSYTRYQTLELEKEFHFNRYLTRRRRIEIAHALSLTERQIKIWFQNRR
MKWKKEHK
;
A
4 'polypeptide(L)' ARRKRRNFSKQASEILNEYFYSHLSNPYPSEEAKEELARKCGITVSQVSNWFGNKRIRYKKNI B
#
# COMPACT_ATOMS: atom_id res chain seq x y z
N GLY C 1 10.62 -12.36 -19.64
CA GLY C 1 9.97 -11.52 -18.59
C GLY C 1 9.02 -12.33 -17.70
N LYS C 2 8.84 -13.58 -18.06
CA LYS C 2 7.96 -14.50 -17.36
C LYS C 2 8.63 -15.19 -16.16
N LYS C 3 7.93 -15.29 -15.02
CA LYS C 3 8.48 -15.93 -13.84
C LYS C 3 8.20 -17.42 -13.76
N ASN C 4 9.21 -18.19 -13.38
CA ASN C 4 9.07 -19.63 -13.29
C ASN C 4 9.36 -20.18 -11.90
N PRO C 5 8.54 -19.80 -10.90
CA PRO C 5 8.77 -20.30 -9.54
C PRO C 5 8.92 -21.83 -9.51
N PRO C 6 9.90 -22.32 -8.75
CA PRO C 6 10.11 -23.77 -8.66
C PRO C 6 8.88 -24.49 -8.12
N GLN C 7 7.96 -23.72 -7.55
CA GLN C 7 6.74 -24.27 -6.98
C GLN C 7 5.72 -23.13 -6.80
N ILE C 8 4.44 -23.45 -6.97
CA ILE C 8 3.39 -22.45 -6.84
C ILE C 8 2.93 -22.41 -5.39
N TYR C 9 3.25 -21.34 -4.69
CA TYR C 9 2.82 -21.25 -3.29
C TYR C 9 1.50 -20.53 -3.12
N PRO C 10 0.81 -20.78 -2.01
CA PRO C 10 -0.48 -20.15 -1.73
C PRO C 10 -0.54 -18.64 -1.97
N TRP C 11 0.34 -17.88 -1.33
CA TRP C 11 0.33 -16.43 -1.50
C TRP C 11 0.33 -16.04 -2.98
N MET C 12 0.78 -16.95 -3.83
CA MET C 12 0.86 -16.69 -5.27
C MET C 12 -0.47 -16.71 -6.01
N LYS C 13 -1.52 -17.20 -5.37
CA LYS C 13 -2.84 -17.24 -5.99
C LYS C 13 -3.53 -15.87 -5.86
N ARG C 14 -4.58 -15.65 -6.64
CA ARG C 14 -5.31 -14.39 -6.60
C ARG C 14 -6.09 -14.17 -5.30
N VAL C 15 -6.62 -12.95 -5.13
CA VAL C 15 -7.39 -12.56 -3.96
C VAL C 15 -7.91 -11.13 -4.08
N GLN C 31 -9.67 -3.30 -13.40
CA GLN C 31 -10.11 -1.90 -13.40
C GLN C 31 -10.30 -1.38 -11.96
N ARG C 32 -9.68 -0.25 -11.66
CA ARG C 32 -9.78 0.38 -10.33
C ARG C 32 -10.26 1.81 -10.53
N THR C 33 -11.56 2.03 -10.31
CA THR C 33 -12.15 3.34 -10.49
C THR C 33 -11.38 4.47 -9.79
N SER C 34 -11.22 5.57 -10.52
CA SER C 34 -10.51 6.73 -10.00
C SER C 34 -11.50 7.79 -9.55
N TYR C 35 -11.16 8.53 -8.52
CA TYR C 35 -12.05 9.57 -8.06
C TYR C 35 -11.77 10.82 -8.86
N THR C 36 -12.80 11.64 -9.04
CA THR C 36 -12.70 12.87 -9.81
C THR C 36 -12.07 13.97 -8.99
N ARG C 37 -11.57 14.99 -9.68
CA ARG C 37 -10.96 16.12 -9.00
C ARG C 37 -11.90 16.63 -7.93
N TYR C 38 -13.19 16.74 -8.29
CA TYR C 38 -14.20 17.23 -7.37
C TYR C 38 -14.31 16.32 -6.16
N GLN C 39 -14.59 15.05 -6.39
CA GLN C 39 -14.69 14.12 -5.27
C GLN C 39 -13.47 14.24 -4.35
N THR C 40 -12.28 14.04 -4.91
CA THR C 40 -11.07 14.13 -4.13
C THR C 40 -10.96 15.46 -3.38
N LEU C 41 -11.06 16.57 -4.12
CA LEU C 41 -10.95 17.89 -3.51
C LEU C 41 -11.90 18.04 -2.33
N GLU C 42 -13.17 17.69 -2.54
CA GLU C 42 -14.17 17.79 -1.48
C GLU C 42 -13.79 16.92 -0.28
N LEU C 43 -13.50 15.64 -0.51
CA LEU C 43 -13.11 14.76 0.58
C LEU C 43 -11.93 15.34 1.36
N GLU C 44 -10.92 15.81 0.64
CA GLU C 44 -9.75 16.40 1.25
C GLU C 44 -10.20 17.59 2.08
N LYS C 45 -11.17 18.32 1.55
CA LYS C 45 -11.75 19.50 2.19
C LYS C 45 -12.47 19.13 3.50
N GLU C 46 -13.23 18.04 3.46
CA GLU C 46 -13.97 17.57 4.63
C GLU C 46 -13.02 17.10 5.72
N PHE C 47 -12.05 16.28 5.33
CA PHE C 47 -11.04 15.72 6.24
C PHE C 47 -10.34 16.79 7.08
N HIS C 48 -10.18 17.98 6.52
CA HIS C 48 -9.51 19.06 7.24
C HIS C 48 -10.45 19.72 8.25
N PHE C 49 -11.73 19.35 8.18
CA PHE C 49 -12.75 19.88 9.08
C PHE C 49 -12.83 18.97 10.29
N ASN C 50 -12.58 17.69 10.05
CA ASN C 50 -12.59 16.69 11.11
C ASN C 50 -12.19 15.35 10.52
N ARG C 51 -11.05 14.84 10.98
CA ARG C 51 -10.52 13.58 10.51
C ARG C 51 -11.46 12.39 10.74
N TYR C 52 -12.57 12.63 11.45
CA TYR C 52 -13.54 11.57 11.70
C TYR C 52 -14.95 12.01 11.32
N LEU C 53 -15.76 11.05 10.89
CA LEU C 53 -17.13 11.30 10.43
C LEU C 53 -18.24 10.67 11.26
N THR C 54 -19.37 11.37 11.31
CA THR C 54 -20.55 10.89 12.02
C THR C 54 -21.41 10.14 11.02
N ARG C 55 -22.15 9.14 11.48
CA ARG C 55 -23.01 8.35 10.59
C ARG C 55 -23.82 9.25 9.65
N ARG C 56 -24.24 10.42 10.15
CA ARG C 56 -25.02 11.36 9.37
C ARG C 56 -24.17 12.02 8.29
N ARG C 57 -23.15 12.76 8.72
CA ARG C 57 -22.26 13.46 7.80
C ARG C 57 -21.76 12.52 6.71
N ARG C 58 -21.54 11.26 7.08
CA ARG C 58 -21.06 10.25 6.16
C ARG C 58 -22.05 10.04 5.03
N ILE C 59 -23.33 10.01 5.39
CA ILE C 59 -24.40 9.81 4.44
C ILE C 59 -24.61 11.03 3.54
N GLU C 60 -24.66 12.22 4.12
CA GLU C 60 -24.86 13.39 3.29
C GLU C 60 -23.72 13.62 2.30
N ILE C 61 -22.50 13.27 2.70
CA ILE C 61 -21.34 13.45 1.81
C ILE C 61 -21.33 12.38 0.71
N ALA C 62 -21.75 11.17 1.05
CA ALA C 62 -21.80 10.09 0.08
C ALA C 62 -22.76 10.45 -1.06
N HIS C 63 -23.95 10.96 -0.70
CA HIS C 63 -24.95 11.35 -1.70
C HIS C 63 -24.46 12.53 -2.51
N ALA C 64 -23.80 13.47 -1.84
CA ALA C 64 -23.30 14.66 -2.51
C ALA C 64 -22.20 14.37 -3.53
N LEU C 65 -21.53 13.22 -3.40
CA LEU C 65 -20.44 12.90 -4.32
C LEU C 65 -20.65 11.64 -5.16
N SER C 66 -21.89 11.17 -5.24
CA SER C 66 -22.19 9.99 -6.05
C SER C 66 -21.42 8.75 -5.62
N LEU C 67 -20.88 8.79 -4.41
CA LEU C 67 -20.14 7.65 -3.86
C LEU C 67 -20.99 7.01 -2.76
N THR C 68 -20.71 5.75 -2.43
CA THR C 68 -21.46 5.08 -1.37
C THR C 68 -20.92 5.46 -0.01
N GLU C 69 -21.58 4.93 1.02
CA GLU C 69 -21.22 5.17 2.41
C GLU C 69 -19.89 4.47 2.67
N ARG C 70 -19.85 3.21 2.24
CA ARG C 70 -18.67 2.40 2.40
C ARG C 70 -17.46 3.15 1.84
N GLN C 71 -17.53 3.51 0.57
CA GLN C 71 -16.45 4.24 -0.07
C GLN C 71 -16.03 5.48 0.70
N ILE C 72 -16.95 6.13 1.39
CA ILE C 72 -16.56 7.32 2.14
C ILE C 72 -15.86 6.91 3.42
N LYS C 73 -16.36 5.84 4.03
CA LYS C 73 -15.80 5.33 5.28
C LYS C 73 -14.36 4.94 4.99
N ILE C 74 -14.20 4.10 3.98
CA ILE C 74 -12.90 3.63 3.58
C ILE C 74 -11.98 4.75 3.16
N TRP C 75 -12.49 5.73 2.42
CA TRP C 75 -11.64 6.83 1.99
C TRP C 75 -11.09 7.54 3.21
N PHE C 76 -11.88 7.65 4.26
CA PHE C 76 -11.41 8.33 5.46
C PHE C 76 -10.43 7.47 6.24
N GLN C 77 -10.70 6.18 6.27
CA GLN C 77 -9.81 5.24 6.94
C GLN C 77 -8.41 5.41 6.31
N ASN C 78 -8.33 5.24 4.98
CA ASN C 78 -7.08 5.39 4.26
C ASN C 78 -6.50 6.77 4.48
N ARG C 79 -7.36 7.77 4.54
CA ARG C 79 -6.85 9.12 4.70
C ARG C 79 -6.12 9.31 6.02
N ARG C 80 -6.56 8.60 7.06
CA ARG C 80 -5.90 8.71 8.36
C ARG C 80 -4.56 7.99 8.31
N MET C 81 -4.55 6.79 7.73
CA MET C 81 -3.31 6.04 7.64
C MET C 81 -2.24 6.93 7.02
N LYS C 82 -2.65 7.69 6.01
CA LYS C 82 -1.74 8.60 5.34
C LYS C 82 -1.42 9.77 6.27
N TRP C 83 -2.38 10.15 7.09
CA TRP C 83 -2.16 11.25 8.01
C TRP C 83 -1.26 10.76 9.13
N LYS C 84 -1.48 9.52 9.56
CA LYS C 84 -0.67 8.90 10.61
C LYS C 84 0.74 8.92 10.05
N LYS C 85 0.88 8.37 8.85
CA LYS C 85 2.17 8.35 8.18
C LYS C 85 2.47 9.82 7.92
N GLU C 86 3.69 10.13 7.52
CA GLU C 86 4.04 11.52 7.28
C GLU C 86 3.80 12.31 8.57
N HIS C 87 3.87 11.59 9.69
CA HIS C 87 3.69 12.10 11.06
C HIS C 87 2.84 13.34 11.32
N LYS C 88 2.46 14.06 10.26
CA LYS C 88 1.66 15.27 10.40
C LYS C 88 0.20 14.97 10.65
N ARG D 5 13.77 12.09 -6.74
CA ARG D 5 13.48 10.68 -6.42
C ARG D 5 14.31 9.69 -7.25
N ARG D 6 15.43 9.25 -6.68
CA ARG D 6 16.31 8.30 -7.36
C ARG D 6 15.91 6.88 -6.96
N ASN D 7 16.54 5.90 -7.59
CA ASN D 7 16.28 4.50 -7.30
C ASN D 7 17.21 4.01 -6.21
N PHE D 8 16.84 2.90 -5.58
CA PHE D 8 17.65 2.32 -4.51
C PHE D 8 18.99 1.88 -5.08
N SER D 9 20.03 1.88 -4.25
CA SER D 9 21.36 1.48 -4.71
C SER D 9 21.42 0.05 -5.23
N LYS D 10 22.53 -0.30 -5.86
CA LYS D 10 22.66 -1.64 -6.40
C LYS D 10 22.70 -2.68 -5.28
N GLN D 11 23.31 -2.32 -4.16
CA GLN D 11 23.43 -3.24 -3.05
C GLN D 11 22.10 -3.45 -2.32
N ALA D 12 21.30 -2.40 -2.25
CA ALA D 12 20.01 -2.50 -1.56
C ALA D 12 19.06 -3.45 -2.30
N SER D 13 19.06 -3.38 -3.62
CA SER D 13 18.20 -4.24 -4.41
C SER D 13 18.63 -5.67 -4.33
N GLU D 14 19.94 -5.90 -4.29
CA GLU D 14 20.46 -7.26 -4.22
C GLU D 14 20.04 -7.84 -2.89
N ILE D 15 20.09 -7.02 -1.86
CA ILE D 15 19.72 -7.49 -0.52
C ILE D 15 18.23 -7.84 -0.42
N LEU D 16 17.38 -6.97 -0.97
CA LEU D 16 15.94 -7.17 -0.93
C LEU D 16 15.54 -8.36 -1.80
N ASN D 17 16.10 -8.42 -3.01
CA ASN D 17 15.82 -9.51 -3.92
C ASN D 17 16.30 -10.83 -3.31
N GLU D 18 17.45 -10.81 -2.65
CA GLU D 18 17.97 -12.02 -2.03
C GLU D 18 17.02 -12.43 -0.92
N TYR D 19 16.63 -11.49 -0.08
CA TYR D 19 15.73 -11.88 0.97
C TYR D 19 14.47 -12.42 0.31
N PHE D 20 13.89 -11.62 -0.57
CA PHE D 20 12.65 -12.03 -1.23
C PHE D 20 12.66 -13.44 -1.79
N TYR D 21 13.58 -13.72 -2.71
CA TYR D 21 13.66 -15.02 -3.36
C TYR D 21 14.05 -16.14 -2.39
N SER D 22 14.73 -15.78 -1.32
CA SER D 22 15.12 -16.79 -0.35
C SER D 22 13.91 -17.19 0.47
N HIS D 23 12.92 -16.32 0.52
CA HIS D 23 11.70 -16.60 1.25
C HIS D 23 10.48 -16.72 0.32
N LEU D 24 10.67 -17.24 -0.89
CA LEU D 24 9.56 -17.34 -1.84
C LEU D 24 8.31 -18.03 -1.32
N SER D 25 8.48 -18.95 -0.38
CA SER D 25 7.34 -19.68 0.16
C SER D 25 6.47 -18.83 1.08
N ASN D 26 6.98 -17.67 1.49
CA ASN D 26 6.24 -16.79 2.39
C ASN D 26 6.99 -15.46 2.50
N PRO D 27 6.92 -14.64 1.44
CA PRO D 27 7.56 -13.33 1.33
C PRO D 27 6.95 -12.24 2.21
N TYR D 28 6.69 -12.56 3.47
CA TYR D 28 6.07 -11.59 4.37
C TYR D 28 6.91 -11.35 5.61
N PRO D 29 7.95 -10.53 5.45
CA PRO D 29 8.86 -10.20 6.54
C PRO D 29 8.12 -9.54 7.69
N SER D 30 8.51 -9.88 8.91
CA SER D 30 7.90 -9.32 10.10
C SER D 30 8.32 -7.85 10.23
N GLU D 31 7.83 -7.20 11.27
CA GLU D 31 8.17 -5.80 11.52
C GLU D 31 9.67 -5.69 11.79
N GLU D 32 10.20 -6.63 12.57
CA GLU D 32 11.62 -6.63 12.90
C GLU D 32 12.44 -6.89 11.65
N ALA D 33 12.02 -7.89 10.86
CA ALA D 33 12.75 -8.22 9.65
C ALA D 33 12.77 -7.03 8.70
N LYS D 34 11.65 -6.31 8.64
CA LYS D 34 11.57 -5.12 7.79
C LYS D 34 12.56 -4.07 8.30
N GLU D 35 12.67 -3.95 9.62
CA GLU D 35 13.60 -2.99 10.19
C GLU D 35 15.07 -3.34 9.92
N GLU D 36 15.41 -4.62 9.99
CA GLU D 36 16.78 -5.05 9.74
C GLU D 36 17.12 -4.85 8.26
N LEU D 37 16.18 -5.19 7.39
CA LEU D 37 16.41 -5.01 5.96
C LEU D 37 16.60 -3.52 5.67
N ALA D 38 15.78 -2.68 6.31
CA ALA D 38 15.87 -1.23 6.11
C ALA D 38 17.22 -0.70 6.55
N ARG D 39 17.70 -1.20 7.69
CA ARG D 39 18.97 -0.77 8.23
C ARG D 39 20.09 -1.07 7.23
N LYS D 40 20.14 -2.33 6.79
CA LYS D 40 21.19 -2.73 5.86
C LYS D 40 21.10 -2.03 4.53
N CYS D 41 19.88 -1.76 4.07
CA CYS D 41 19.68 -1.10 2.78
C CYS D 41 19.77 0.40 2.86
N GLY D 42 19.65 0.95 4.05
CA GLY D 42 19.72 2.39 4.19
C GLY D 42 18.49 3.11 3.69
N ILE D 43 17.32 2.58 4.00
CA ILE D 43 16.05 3.18 3.61
C ILE D 43 15.10 3.08 4.79
N THR D 44 13.84 3.48 4.60
CA THR D 44 12.86 3.42 5.68
C THR D 44 12.12 2.10 5.63
N VAL D 45 11.54 1.72 6.76
CA VAL D 45 10.78 0.47 6.81
C VAL D 45 9.60 0.59 5.86
N SER D 46 9.08 1.80 5.75
CA SER D 46 7.96 2.09 4.86
C SER D 46 8.38 1.80 3.40
N GLN D 47 9.61 2.20 3.02
CA GLN D 47 10.06 1.92 1.66
C GLN D 47 10.25 0.44 1.50
N VAL D 48 10.64 -0.24 2.58
CA VAL D 48 10.79 -1.69 2.50
C VAL D 48 9.40 -2.27 2.25
N SER D 49 8.40 -1.85 3.02
CA SER D 49 7.05 -2.35 2.80
C SER D 49 6.60 -2.12 1.36
N ASN D 50 6.72 -0.90 0.85
CA ASN D 50 6.32 -0.65 -0.54
C ASN D 50 7.05 -1.65 -1.44
N TRP D 51 8.36 -1.78 -1.21
CA TRP D 51 9.20 -2.65 -2.01
C TRP D 51 8.68 -4.08 -2.02
N PHE D 52 8.34 -4.62 -0.86
CA PHE D 52 7.83 -5.97 -0.87
C PHE D 52 6.44 -6.03 -1.52
N GLY D 53 5.63 -5.00 -1.27
CA GLY D 53 4.30 -4.97 -1.87
C GLY D 53 4.37 -5.08 -3.39
N ASN D 54 5.14 -4.19 -4.00
CA ASN D 54 5.31 -4.19 -5.45
C ASN D 54 5.94 -5.49 -5.96
N LYS D 55 6.92 -6.01 -5.22
CA LYS D 55 7.61 -7.22 -5.64
C LYS D 55 6.64 -8.40 -5.64
N ARG D 56 5.94 -8.57 -4.54
CA ARG D 56 5.00 -9.65 -4.39
C ARG D 56 3.96 -9.68 -5.51
N ILE D 57 3.37 -8.52 -5.80
CA ILE D 57 2.35 -8.41 -6.83
C ILE D 57 2.89 -8.55 -8.25
N ARG D 58 3.93 -7.78 -8.55
CA ARG D 58 4.51 -7.82 -9.89
C ARG D 58 5.03 -9.22 -10.22
N TYR D 59 5.40 -9.99 -9.20
CA TYR D 59 5.91 -11.34 -9.41
C TYR D 59 4.78 -12.30 -9.79
N LYS D 60 3.76 -12.43 -8.93
CA LYS D 60 2.66 -13.34 -9.23
C LYS D 60 1.98 -12.92 -10.54
N LYS D 61 2.10 -11.64 -10.89
CA LYS D 61 1.52 -11.11 -12.12
C LYS D 61 2.19 -11.67 -13.39
N ASN D 62 3.46 -12.02 -13.29
CA ASN D 62 4.16 -12.55 -14.45
C ASN D 62 4.32 -14.06 -14.43
N ILE D 63 3.56 -14.73 -13.56
CA ILE D 63 3.64 -16.18 -13.51
C ILE D 63 2.85 -16.76 -14.68
#